data_4JQK
#
_entry.id   4JQK
#
_cell.length_a   51.064
_cell.length_b   75.142
_cell.length_c   106.670
_cell.angle_alpha   90.000
_cell.angle_beta   90.000
_cell.angle_gamma   90.000
#
_symmetry.space_group_name_H-M   'P 21 21 21'
#
loop_
_entity.id
_entity.type
_entity.pdbx_description
1 polymer 'Cytochrome c peroxidase'
2 non-polymer 'PROTOPORPHYRIN IX CONTAINING FE'
3 non-polymer 2-(2-aminopyridin-1-ium-1-yl)ethanol
4 non-polymer 'PHOSPHATE ION'
5 water water
#
_entity_poly.entity_id   1
_entity_poly.type   'polypeptide(L)'
_entity_poly.pdbx_seq_one_letter_code
;LVHVASVEKGRSYEDFQKVYNAIALKLREDDEYDNYIGYGPVLVRLAWHISGTWDKHDNTGGSYGGTYRFKKEFNDPSNA
GLQNGFKFLEPIHKEFPWISSGDLFSLGGVTAVQEMQGPKIPWRCGRVDTPEDTTPDNGRLPDADKDAGYVRTFFQRLNM
NDREVVALMGAHALGKTHLKNSGYEGGGANNVFTNEFYLNLLNEDWKLEKNDANNEQWDSKSGYMMLPTDYSLIQDPKYL
SIVKEYANDQDKFFKDFSKAFEKLLENGITFPKDAPSPFIFKTLEEQGL
;
_entity_poly.pdbx_strand_id   A
#
loop_
_chem_comp.id
_chem_comp.type
_chem_comp.name
_chem_comp.formula
1LN non-polymer 2-(2-aminopyridin-1-ium-1-yl)ethanol 'C7 H11 N2 O 1'
HEM non-polymer 'PROTOPORPHYRIN IX CONTAINING FE' 'C34 H32 Fe N4 O4'
PO4 non-polymer 'PHOSPHATE ION' 'O4 P -3'
#
# COMPACT_ATOMS: atom_id res chain seq x y z
N LEU A 1 23.25 10.16 -1.16
CA LEU A 1 22.87 9.37 0.10
C LEU A 1 22.59 7.92 -0.26
N VAL A 2 23.42 7.01 0.25
CA VAL A 2 23.38 5.60 -0.13
C VAL A 2 22.92 4.75 1.06
N HIS A 3 21.93 3.88 0.81
CA HIS A 3 21.41 2.94 1.82
C HIS A 3 21.66 1.55 1.33
N VAL A 4 22.61 0.84 1.89
CA VAL A 4 22.97 -0.47 1.43
C VAL A 4 22.20 -1.51 2.23
N ALA A 5 21.53 -2.45 1.54
CA ALA A 5 20.79 -3.49 2.23
C ALA A 5 21.78 -4.38 2.97
N SER A 6 21.52 -4.70 4.22
CA SER A 6 22.35 -5.53 5.05
C SER A 6 21.48 -6.61 5.71
N VAL A 7 21.66 -7.86 5.34
CA VAL A 7 20.80 -8.96 5.78
C VAL A 7 20.93 -9.07 7.30
N GLU A 8 19.79 -9.15 7.97
CA GLU A 8 19.77 -9.41 9.42
C GLU A 8 20.63 -10.62 9.70
N LYS A 9 21.51 -10.51 10.71
N LYS A 9 21.49 -10.53 10.74
CA LYS A 9 22.63 -11.41 10.79
CA LYS A 9 22.56 -11.49 10.88
C LYS A 9 22.20 -12.86 10.88
C LYS A 9 22.16 -12.92 10.89
N GLY A 10 22.69 -13.69 9.96
CA GLY A 10 22.44 -15.08 9.86
C GLY A 10 21.10 -15.54 9.34
N ARG A 11 20.25 -14.59 8.98
CA ARG A 11 18.87 -14.92 8.57
C ARG A 11 18.74 -15.31 7.08
N SER A 12 17.80 -16.18 6.80
CA SER A 12 17.58 -16.66 5.44
C SER A 12 16.09 -16.79 5.19
N TYR A 13 15.68 -17.26 4.00
N TYR A 13 15.76 -17.42 4.05
CA TYR A 13 14.27 -17.33 3.62
CA TYR A 13 14.39 -17.47 3.55
C TYR A 13 13.42 -17.96 4.77
C TYR A 13 13.43 -17.84 4.64
N GLU A 14 13.91 -19.02 5.39
N GLU A 14 13.69 -18.99 5.26
CA GLU A 14 13.09 -19.71 6.37
CA GLU A 14 12.79 -19.57 6.26
C GLU A 14 12.68 -18.79 7.53
C GLU A 14 12.56 -18.63 7.45
N ASP A 15 13.58 -17.91 7.95
CA ASP A 15 13.31 -16.97 8.99
C ASP A 15 12.20 -16.00 8.59
N PHE A 16 12.27 -15.46 7.38
CA PHE A 16 11.30 -14.50 6.94
C PHE A 16 9.95 -15.13 6.64
N GLN A 17 9.94 -16.37 6.17
CA GLN A 17 8.71 -17.11 6.01
C GLN A 17 7.97 -17.28 7.33
N LYS A 18 8.74 -17.44 8.43
N LYS A 18 8.78 -17.44 8.41
CA LYS A 18 8.08 -17.54 9.74
CA LYS A 18 8.22 -17.56 9.77
C LYS A 18 7.43 -16.20 10.11
C LYS A 18 7.54 -16.26 10.18
N VAL A 19 8.10 -15.12 9.81
CA VAL A 19 7.54 -13.80 10.06
C VAL A 19 6.27 -13.57 9.28
N TYR A 20 6.37 -13.87 7.96
CA TYR A 20 5.21 -13.88 7.07
C TYR A 20 4.04 -14.67 7.73
N ASN A 21 4.37 -15.88 8.12
CA ASN A 21 3.34 -16.76 8.66
C ASN A 21 2.67 -16.17 9.92
N ALA A 22 3.49 -15.58 10.78
CA ALA A 22 2.92 -14.95 12.01
C ALA A 22 2.01 -13.78 11.66
N ILE A 23 2.37 -12.95 10.68
CA ILE A 23 1.51 -11.89 10.23
C ILE A 23 0.25 -12.46 9.64
N ALA A 24 0.36 -13.51 8.78
CA ALA A 24 -0.75 -14.07 8.09
C ALA A 24 -1.76 -14.74 9.06
N LEU A 25 -1.18 -15.40 10.07
CA LEU A 25 -2.04 -16.06 11.10
C LEU A 25 -2.78 -14.99 11.91
N LYS A 26 -2.12 -13.88 12.20
CA LYS A 26 -2.77 -12.77 12.95
C LYS A 26 -3.81 -12.10 12.10
N LEU A 27 -3.60 -12.01 10.78
CA LEU A 27 -4.60 -11.47 9.89
C LEU A 27 -5.86 -12.30 9.95
N ARG A 28 -5.68 -13.62 9.96
CA ARG A 28 -6.79 -14.53 10.04
C ARG A 28 -7.48 -14.41 11.40
N GLU A 29 -6.73 -14.22 12.48
N GLU A 29 -6.73 -14.28 12.48
CA GLU A 29 -7.29 -14.25 13.85
CA GLU A 29 -7.29 -14.29 13.85
C GLU A 29 -8.01 -12.95 14.22
C GLU A 29 -8.16 -13.06 14.05
N ASP A 30 -7.53 -11.85 13.69
N ASP A 30 -7.50 -11.90 13.87
CA ASP A 30 -8.01 -10.56 14.17
CA ASP A 30 -8.10 -10.59 14.18
C ASP A 30 -8.99 -10.03 13.12
C ASP A 30 -9.07 -10.16 13.10
N ASP A 31 -10.09 -10.78 12.99
N ASP A 31 -10.11 -10.95 12.87
CA ASP A 31 -11.01 -10.65 11.90
CA ASP A 31 -10.97 -10.72 11.72
C ASP A 31 -12.02 -9.50 12.01
C ASP A 31 -12.06 -9.67 11.92
N GLU A 32 -12.31 -9.06 13.23
N GLU A 32 -12.20 -9.15 13.15
CA GLU A 32 -13.38 -8.07 13.46
CA GLU A 32 -13.27 -8.21 13.44
C GLU A 32 -13.01 -6.61 13.15
C GLU A 32 -13.03 -6.77 13.03
N TYR A 33 -11.73 -6.39 12.94
CA TYR A 33 -11.26 -5.00 12.78
C TYR A 33 -11.94 -4.30 11.60
N ASP A 34 -12.32 -3.07 11.86
N ASP A 34 -12.42 -3.07 11.81
CA ASP A 34 -12.92 -2.18 10.89
CA ASP A 34 -13.05 -2.27 10.76
C ASP A 34 -14.13 -2.79 10.22
C ASP A 34 -14.24 -3.00 10.15
N ASN A 35 -15.06 -3.24 11.09
N ASN A 35 -15.27 -3.22 10.98
CA ASN A 35 -16.31 -3.88 10.61
CA ASN A 35 -16.48 -3.89 10.47
C ASN A 35 -16.10 -5.07 9.69
C ASN A 35 -16.16 -5.14 9.65
N TYR A 36 -15.20 -5.93 10.14
CA TYR A 36 -14.91 -7.22 9.56
C TYR A 36 -14.19 -7.18 8.21
N ILE A 37 -13.61 -6.04 7.94
CA ILE A 37 -12.65 -5.96 6.82
C ILE A 37 -11.38 -6.68 7.21
N GLY A 38 -10.95 -6.62 8.46
CA GLY A 38 -9.68 -7.15 8.86
C GLY A 38 -8.53 -6.16 8.53
N TYR A 39 -7.33 -6.54 8.94
CA TYR A 39 -6.20 -5.65 8.90
C TYR A 39 -5.44 -5.62 7.52
N GLY A 40 -5.92 -6.41 6.57
CA GLY A 40 -5.16 -6.52 5.27
C GLY A 40 -4.97 -5.15 4.65
N PRO A 41 -6.07 -4.44 4.42
CA PRO A 41 -5.96 -3.15 3.74
C PRO A 41 -5.10 -2.14 4.44
N VAL A 42 -5.27 -1.97 5.77
CA VAL A 42 -4.47 -0.98 6.43
C VAL A 42 -2.97 -1.34 6.39
N LEU A 43 -2.64 -2.63 6.39
CA LEU A 43 -1.26 -3.00 6.26
C LEU A 43 -0.61 -2.67 4.86
N VAL A 44 -1.45 -2.79 3.86
CA VAL A 44 -1.03 -2.40 2.49
C VAL A 44 -0.79 -0.91 2.50
N ARG A 45 -1.73 -0.12 3.04
CA ARG A 45 -1.56 1.31 3.11
CA ARG A 45 -1.59 1.33 3.11
C ARG A 45 -0.34 1.72 3.92
N LEU A 46 -0.10 1.00 5.01
CA LEU A 46 1.06 1.30 5.82
C LEU A 46 2.34 1.12 5.00
N ALA A 47 2.44 -0.05 4.28
CA ALA A 47 3.66 -0.28 3.49
C ALA A 47 3.85 0.78 2.40
N TRP A 48 2.78 1.22 1.81
CA TRP A 48 2.81 2.30 0.86
C TRP A 48 3.29 3.63 1.47
N HIS A 49 2.71 3.99 2.65
CA HIS A 49 3.08 5.28 3.24
C HIS A 49 4.46 5.28 3.81
N ILE A 50 5.02 4.19 4.26
CA ILE A 50 6.40 4.20 4.72
C ILE A 50 7.40 4.30 3.56
N SER A 51 6.94 3.88 2.36
CA SER A 51 7.74 3.93 1.14
C SER A 51 7.53 5.20 0.39
N GLY A 52 6.36 5.81 0.42
CA GLY A 52 5.96 6.90 -0.38
C GLY A 52 6.51 8.28 -0.02
N THR A 53 7.28 8.29 1.09
CA THR A 53 8.00 9.48 1.46
C THR A 53 9.25 9.66 0.66
N TRP A 54 9.66 8.66 -0.14
CA TRP A 54 10.91 8.71 -0.87
C TRP A 54 10.98 9.86 -1.85
N ASP A 55 12.21 10.43 -1.95
CA ASP A 55 12.50 11.44 -2.96
C ASP A 55 13.70 11.00 -3.77
N LYS A 56 13.49 10.67 -5.07
CA LYS A 56 14.54 10.19 -5.92
C LYS A 56 15.69 11.20 -6.07
N HIS A 57 15.41 12.48 -5.80
CA HIS A 57 16.47 13.51 -6.02
C HIS A 57 17.58 13.45 -5.02
N ASP A 58 17.28 13.12 -3.79
CA ASP A 58 18.30 13.08 -2.75
C ASP A 58 18.31 11.80 -1.90
N ASN A 59 17.51 10.81 -2.29
N ASN A 59 17.43 10.85 -2.23
CA ASN A 59 17.30 9.58 -1.51
CA ASN A 59 17.36 9.58 -1.53
C ASN A 59 16.97 9.77 -0.05
C ASN A 59 16.94 9.75 -0.06
N THR A 60 16.19 10.80 0.24
CA THR A 60 15.60 10.95 1.57
C THR A 60 14.30 10.17 1.60
N GLY A 61 13.77 9.90 2.79
CA GLY A 61 12.57 9.10 2.94
C GLY A 61 12.83 7.68 2.48
N GLY A 62 11.70 7.03 2.14
CA GLY A 62 11.70 5.64 1.66
C GLY A 62 11.61 4.64 2.79
N SER A 63 11.32 3.39 2.47
N SER A 63 11.53 3.35 2.51
CA SER A 63 11.14 2.35 3.43
CA SER A 63 11.30 2.33 3.51
C SER A 63 12.33 2.01 4.28
C SER A 63 12.54 1.94 4.29
N TYR A 64 13.56 2.24 3.80
N TYR A 64 13.72 2.22 3.76
CA TYR A 64 14.76 1.63 4.38
CA TYR A 64 14.92 1.66 4.34
C TYR A 64 14.91 1.83 5.89
C TYR A 64 15.07 1.85 5.86
N GLY A 65 14.84 3.10 6.30
CA GLY A 65 15.21 3.46 7.69
C GLY A 65 14.17 3.16 8.73
N GLY A 66 12.99 2.67 8.40
CA GLY A 66 12.00 2.36 9.40
C GLY A 66 11.53 3.55 10.19
N THR A 67 11.54 4.72 9.60
CA THR A 67 11.39 5.96 10.38
C THR A 67 9.96 6.23 10.82
N TYR A 68 8.95 5.49 10.36
CA TYR A 68 7.58 5.57 10.80
C TYR A 68 7.49 5.31 12.29
N ARG A 69 8.45 4.62 12.87
CA ARG A 69 8.44 4.40 14.35
C ARG A 69 8.65 5.71 15.12
N PHE A 70 9.09 6.79 14.49
CA PHE A 70 9.36 8.10 15.16
C PHE A 70 8.17 9.01 15.08
N LYS A 71 7.93 9.77 16.15
N LYS A 71 7.93 9.77 16.15
CA LYS A 71 6.73 10.55 16.28
CA LYS A 71 6.75 10.58 16.29
C LYS A 71 6.42 11.51 15.14
C LYS A 71 6.42 11.51 15.14
N LYS A 72 7.45 12.15 14.58
CA LYS A 72 7.19 13.10 13.52
C LYS A 72 6.39 12.41 12.37
N GLU A 73 6.86 11.22 11.97
N GLU A 73 6.85 11.21 11.98
CA GLU A 73 6.25 10.48 10.87
CA GLU A 73 6.23 10.49 10.86
C GLU A 73 4.99 9.78 11.31
C GLU A 73 4.96 9.78 11.29
N PHE A 74 4.97 9.15 12.48
CA PHE A 74 3.71 8.51 12.81
CA PHE A 74 3.80 8.51 13.04
C PHE A 74 2.59 9.48 13.10
N ASN A 75 2.92 10.72 13.46
N ASN A 75 2.90 10.74 13.44
CA ASN A 75 1.88 11.69 13.65
CA ASN A 75 1.91 11.82 13.61
C ASN A 75 1.53 12.53 12.43
C ASN A 75 1.67 12.67 12.40
N ASP A 76 2.21 12.26 11.27
CA ASP A 76 1.86 12.94 10.02
C ASP A 76 0.38 12.85 9.81
N PRO A 77 -0.32 13.99 9.57
CA PRO A 77 -1.74 13.87 9.28
C PRO A 77 -2.08 12.87 8.12
N SER A 78 -1.16 12.81 7.13
CA SER A 78 -1.37 11.87 6.01
C SER A 78 -1.36 10.45 6.47
N ASN A 79 -0.83 10.16 7.65
CA ASN A 79 -0.77 8.81 8.21
C ASN A 79 -1.83 8.47 9.25
N ALA A 80 -2.87 9.31 9.36
CA ALA A 80 -3.86 9.06 10.35
C ALA A 80 -4.56 7.77 10.08
N GLY A 81 -4.71 6.94 11.09
CA GLY A 81 -5.27 5.61 10.97
C GLY A 81 -4.24 4.49 10.89
N LEU A 82 -3.04 4.81 10.44
CA LEU A 82 -2.03 3.78 10.26
C LEU A 82 -1.53 3.22 11.57
N GLN A 83 -1.79 3.97 12.65
CA GLN A 83 -1.42 3.45 13.97
C GLN A 83 -2.05 2.10 14.30
N ASN A 84 -3.18 1.83 13.68
CA ASN A 84 -3.84 0.54 13.79
C ASN A 84 -2.97 -0.61 13.21
N GLY A 85 -2.34 -0.31 12.07
CA GLY A 85 -1.41 -1.25 11.44
C GLY A 85 -0.19 -1.48 12.28
N PHE A 86 0.32 -0.38 12.82
N PHE A 86 0.38 -0.36 12.78
CA PHE A 86 1.43 -0.49 13.72
CA PHE A 86 1.61 -0.40 13.61
C PHE A 86 1.09 -1.37 14.93
C PHE A 86 1.45 -1.23 14.88
N LYS A 87 -0.06 -1.13 15.54
N LYS A 87 0.30 -0.95 15.51
CA LYS A 87 -0.36 -1.90 16.75
CA LYS A 87 -0.22 -1.74 16.64
C LYS A 87 -0.54 -3.38 16.43
C LYS A 87 -0.31 -3.26 16.34
N PHE A 88 -0.98 -3.63 15.21
CA PHE A 88 -1.11 -5.00 14.78
C PHE A 88 0.27 -5.68 14.69
N LEU A 89 1.23 -4.94 14.16
CA LEU A 89 2.57 -5.51 13.94
C LEU A 89 3.44 -5.58 15.20
N GLU A 90 3.07 -4.86 16.28
N GLU A 90 2.98 -4.88 16.25
CA GLU A 90 3.92 -4.85 17.50
CA GLU A 90 3.69 -4.81 17.51
C GLU A 90 4.11 -6.26 18.11
C GLU A 90 4.05 -6.15 18.07
N PRO A 91 3.06 -7.05 18.22
CA PRO A 91 3.36 -8.42 18.75
C PRO A 91 4.23 -9.26 17.85
N ILE A 92 4.11 -8.99 16.55
CA ILE A 92 4.98 -9.71 15.59
C ILE A 92 6.44 -9.28 15.82
N HIS A 93 6.66 -7.98 15.97
CA HIS A 93 7.98 -7.47 16.21
C HIS A 93 8.57 -7.98 17.56
N LYS A 94 7.72 -8.14 18.57
N LYS A 94 7.68 -8.09 18.56
CA LYS A 94 8.19 -8.69 19.85
CA LYS A 94 8.07 -8.66 19.84
C LYS A 94 8.59 -10.17 19.75
C LYS A 94 8.58 -10.09 19.72
N GLU A 95 7.86 -10.91 18.95
CA GLU A 95 8.24 -12.28 18.70
C GLU A 95 9.52 -12.43 17.86
N PHE A 96 9.74 -11.51 16.92
CA PHE A 96 10.86 -11.56 15.98
C PHE A 96 11.62 -10.25 16.07
N PRO A 97 12.30 -10.02 17.23
CA PRO A 97 12.87 -8.73 17.44
C PRO A 97 14.06 -8.38 16.56
N TRP A 98 14.57 -9.39 15.90
CA TRP A 98 15.68 -9.27 14.99
C TRP A 98 15.30 -8.63 13.65
N ILE A 99 14.04 -8.59 13.28
CA ILE A 99 13.73 -7.98 11.96
C ILE A 99 13.78 -6.49 12.07
N SER A 100 14.28 -5.75 11.08
CA SER A 100 14.27 -4.31 11.12
C SER A 100 12.87 -3.78 10.94
N SER A 101 12.63 -2.54 11.32
CA SER A 101 11.37 -1.95 11.24
C SER A 101 10.92 -1.80 9.78
N GLY A 102 11.80 -1.30 8.92
CA GLY A 102 11.42 -1.22 7.47
C GLY A 102 11.15 -2.58 6.86
N ASP A 103 11.89 -3.59 7.24
CA ASP A 103 11.58 -4.93 6.75
C ASP A 103 10.23 -5.33 7.24
N LEU A 104 9.90 -5.14 8.53
CA LEU A 104 8.61 -5.55 9.00
C LEU A 104 7.47 -4.82 8.34
N PHE A 105 7.57 -3.52 8.23
CA PHE A 105 6.45 -2.77 7.66
C PHE A 105 6.21 -3.18 6.19
N SER A 106 7.31 -3.30 5.44
CA SER A 106 7.14 -3.66 4.02
C SER A 106 6.67 -5.13 3.89
N LEU A 107 7.15 -6.01 4.72
CA LEU A 107 6.68 -7.39 4.69
C LEU A 107 5.25 -7.50 5.09
N GLY A 108 4.75 -6.61 5.97
CA GLY A 108 3.36 -6.63 6.33
C GLY A 108 2.48 -6.39 5.11
N GLY A 109 2.92 -5.44 4.27
CA GLY A 109 2.18 -5.19 3.03
C GLY A 109 2.17 -6.34 2.02
N VAL A 110 3.36 -6.94 1.86
CA VAL A 110 3.48 -8.12 0.99
C VAL A 110 2.55 -9.20 1.50
N THR A 111 2.61 -9.51 2.80
CA THR A 111 1.83 -10.56 3.36
C THR A 111 0.35 -10.29 3.20
N ALA A 112 -0.07 -9.07 3.44
CA ALA A 112 -1.45 -8.70 3.29
C ALA A 112 -1.95 -8.92 1.85
N VAL A 113 -1.19 -8.39 0.87
CA VAL A 113 -1.62 -8.60 -0.54
C VAL A 113 -1.74 -10.10 -0.85
N GLN A 114 -0.76 -10.90 -0.49
CA GLN A 114 -0.81 -12.30 -0.82
C GLN A 114 -1.94 -13.02 -0.15
N GLU A 115 -2.13 -12.74 1.15
CA GLU A 115 -3.17 -13.45 1.91
C GLU A 115 -4.55 -13.03 1.45
N MET A 116 -4.72 -11.83 0.93
CA MET A 116 -5.92 -11.39 0.30
C MET A 116 -6.14 -11.86 -1.16
N GLN A 117 -5.35 -12.86 -1.51
CA GLN A 117 -5.48 -13.55 -2.84
C GLN A 117 -4.93 -12.71 -3.97
N GLY A 118 -4.08 -11.75 -3.67
CA GLY A 118 -3.38 -10.99 -4.69
C GLY A 118 -2.22 -11.71 -5.30
N PRO A 119 -1.48 -11.02 -6.14
N PRO A 119 -1.49 -10.97 -6.16
CA PRO A 119 -0.34 -11.75 -6.70
CA PRO A 119 -0.28 -11.50 -6.80
C PRO A 119 0.72 -12.04 -5.70
C PRO A 119 0.83 -11.78 -5.81
N LYS A 120 1.67 -12.91 -6.00
N LYS A 120 1.72 -12.72 -6.10
CA LYS A 120 2.92 -12.93 -5.30
CA LYS A 120 2.89 -12.94 -5.34
C LYS A 120 3.65 -11.59 -5.50
C LYS A 120 3.78 -11.71 -5.50
N ILE A 121 4.37 -11.20 -4.44
N ILE A 121 4.21 -11.10 -4.41
CA ILE A 121 5.20 -10.03 -4.43
CA ILE A 121 5.11 -9.97 -4.50
C ILE A 121 6.56 -10.46 -3.97
C ILE A 121 6.51 -10.40 -3.99
N PRO A 122 7.54 -10.50 -4.87
CA PRO A 122 8.87 -10.80 -4.37
C PRO A 122 9.31 -9.71 -3.40
N TRP A 123 10.04 -10.16 -2.40
CA TRP A 123 10.44 -9.24 -1.33
C TRP A 123 11.87 -9.52 -0.93
N ARG A 124 12.60 -8.44 -0.67
CA ARG A 124 13.98 -8.50 -0.29
C ARG A 124 14.15 -7.98 1.14
N CYS A 125 14.98 -8.63 1.89
CA CYS A 125 15.33 -8.15 3.24
C CYS A 125 16.51 -7.20 3.20
N GLY A 126 16.83 -6.66 4.37
N GLY A 126 16.80 -6.61 4.35
CA GLY A 126 18.04 -5.90 4.57
CA GLY A 126 18.01 -5.80 4.54
C GLY A 126 17.90 -4.43 4.81
C GLY A 126 17.88 -4.31 4.78
N ARG A 127 16.67 -3.92 4.97
N ARG A 127 16.67 -3.81 4.96
CA ARG A 127 16.46 -2.55 5.42
CA ARG A 127 16.51 -2.44 5.40
C ARG A 127 17.06 -2.46 6.83
C ARG A 127 17.08 -2.39 6.82
N VAL A 128 17.62 -1.30 7.16
N VAL A 128 17.73 -1.28 7.14
CA VAL A 128 18.30 -1.13 8.46
CA VAL A 128 18.40 -1.08 8.45
C VAL A 128 17.75 0.13 9.10
C VAL A 128 17.83 0.13 9.10
N ASP A 129 17.40 0.03 10.39
CA ASP A 129 16.83 1.17 11.06
C ASP A 129 17.83 2.32 11.14
N THR A 130 17.35 3.54 10.88
CA THR A 130 18.20 4.74 10.91
C THR A 130 17.66 5.65 12.00
N PRO A 131 18.49 6.64 12.43
CA PRO A 131 18.11 7.42 13.60
C PRO A 131 16.98 8.41 13.40
N GLU A 132 16.47 8.98 14.49
CA GLU A 132 15.34 9.88 14.45
C GLU A 132 15.56 11.07 13.51
N ASP A 133 16.79 11.58 13.45
CA ASP A 133 17.05 12.72 12.61
C ASP A 133 16.99 12.46 11.11
N THR A 134 16.83 11.18 10.71
CA THR A 134 16.65 10.83 9.30
C THR A 134 15.18 10.74 8.89
N THR A 135 14.27 10.99 9.80
CA THR A 135 12.83 10.93 9.55
C THR A 135 12.43 12.05 8.63
N PRO A 136 11.78 11.76 7.51
CA PRO A 136 11.38 12.83 6.61
C PRO A 136 10.30 13.68 7.19
N ASP A 137 10.30 14.97 6.85
CA ASP A 137 9.23 15.85 7.25
C ASP A 137 7.89 15.42 6.66
N ASN A 138 6.79 15.77 7.30
CA ASN A 138 5.45 15.59 6.82
C ASN A 138 5.26 16.34 5.50
N GLY A 139 4.32 15.88 4.67
CA GLY A 139 3.92 16.59 3.48
C GLY A 139 4.38 15.95 2.18
N ARG A 140 5.03 14.79 2.27
CA ARG A 140 5.56 14.10 1.07
C ARG A 140 4.54 13.12 0.52
N LEU A 141 3.48 12.82 1.18
CA LEU A 141 2.48 11.88 0.68
C LEU A 141 1.43 12.65 -0.08
N PRO A 142 0.67 12.04 -1.00
CA PRO A 142 -0.16 12.79 -1.91
C PRO A 142 -1.50 13.25 -1.35
N ASP A 143 -1.99 14.36 -1.90
CA ASP A 143 -3.35 14.84 -1.63
C ASP A 143 -4.37 14.12 -2.49
N ALA A 144 -5.58 13.91 -2.05
CA ALA A 144 -6.60 13.18 -2.78
C ALA A 144 -7.58 14.07 -3.55
N ASP A 145 -7.48 15.38 -3.34
N ASP A 145 -7.55 15.37 -3.30
CA ASP A 145 -8.37 16.37 -3.93
CA ASP A 145 -8.52 16.29 -3.87
C ASP A 145 -7.84 17.11 -5.14
C ASP A 145 -8.13 16.76 -5.24
N LYS A 146 -7.32 16.39 -6.13
N LYS A 146 -6.99 16.24 -5.70
CA LYS A 146 -6.67 17.03 -7.24
CA LYS A 146 -6.27 16.71 -6.86
C LYS A 146 -6.93 16.20 -8.48
C LYS A 146 -6.59 15.96 -8.17
N ASP A 147 -6.32 16.66 -9.57
N ASP A 147 -5.98 16.38 -9.27
CA ASP A 147 -6.54 16.08 -10.90
CA ASP A 147 -6.34 15.91 -10.63
C ASP A 147 -5.37 15.14 -11.30
C ASP A 147 -5.23 15.10 -11.27
N ALA A 148 -5.48 14.68 -12.54
CA ALA A 148 -4.55 13.70 -13.12
C ALA A 148 -3.16 14.28 -13.27
N GLY A 149 -3.07 15.59 -13.56
CA GLY A 149 -1.77 16.20 -13.74
C GLY A 149 -0.93 16.24 -12.45
N TYR A 150 -1.68 16.45 -11.35
CA TYR A 150 -1.08 16.39 -10.03
C TYR A 150 -0.51 15.01 -9.71
N VAL A 151 -1.38 14.01 -9.99
CA VAL A 151 -1.01 12.60 -9.77
C VAL A 151 0.27 12.21 -10.52
N ARG A 152 0.28 12.57 -11.81
N ARG A 152 0.23 12.62 -11.81
CA ARG A 152 1.42 12.20 -12.65
CA ARG A 152 1.33 12.36 -12.76
C ARG A 152 2.71 12.82 -12.12
C ARG A 152 2.64 12.99 -12.24
N THR A 153 2.61 14.12 -11.88
N THR A 153 2.60 14.27 -11.92
CA THR A 153 3.70 14.88 -11.34
CA THR A 153 3.80 14.91 -11.42
C THR A 153 4.14 14.34 -9.98
C THR A 153 4.27 14.40 -10.06
N PHE A 154 3.18 14.07 -9.09
N PHE A 154 3.30 14.13 -9.18
CA PHE A 154 3.51 13.58 -7.79
CA PHE A 154 3.61 13.63 -7.87
C PHE A 154 4.42 12.33 -7.90
C PHE A 154 4.48 12.40 -7.98
N PHE A 155 3.94 11.39 -8.74
CA PHE A 155 4.59 10.12 -8.84
C PHE A 155 5.92 10.09 -9.59
N GLN A 156 6.25 11.16 -10.34
N GLN A 156 6.24 11.17 -10.33
CA GLN A 156 7.60 11.26 -10.87
CA GLN A 156 7.57 11.29 -10.89
C GLN A 156 8.67 11.30 -9.77
C GLN A 156 8.66 11.36 -9.81
N ARG A 157 8.30 11.87 -8.59
CA ARG A 157 9.26 11.95 -7.47
C ARG A 157 9.65 10.58 -6.96
N LEU A 158 8.71 9.63 -7.14
CA LEU A 158 8.87 8.22 -6.80
C LEU A 158 9.34 7.33 -7.95
N ASN A 159 9.73 8.01 -9.03
CA ASN A 159 10.20 7.31 -10.27
C ASN A 159 9.16 6.37 -10.80
N MET A 160 7.89 6.70 -10.77
CA MET A 160 6.84 5.87 -11.32
C MET A 160 6.27 6.54 -12.52
N ASN A 161 6.06 5.74 -13.57
CA ASN A 161 5.45 6.15 -14.84
C ASN A 161 3.96 5.93 -14.89
N ASP A 162 3.27 6.24 -15.98
CA ASP A 162 1.85 6.11 -15.98
C ASP A 162 1.35 4.73 -15.72
N ARG A 163 1.96 3.71 -16.30
CA ARG A 163 1.47 2.35 -16.10
CA ARG A 163 1.55 2.33 -16.11
C ARG A 163 1.68 1.95 -14.63
N GLU A 164 2.81 2.33 -14.04
CA GLU A 164 3.06 1.98 -12.64
C GLU A 164 2.07 2.71 -11.71
N VAL A 165 1.78 3.95 -11.99
CA VAL A 165 0.78 4.70 -11.17
C VAL A 165 -0.53 4.02 -11.26
N VAL A 166 -1.03 3.69 -12.45
CA VAL A 166 -2.34 3.11 -12.59
C VAL A 166 -2.40 1.76 -11.96
N ALA A 167 -1.36 0.96 -12.09
CA ALA A 167 -1.29 -0.35 -11.48
C ALA A 167 -1.34 -0.19 -9.95
N LEU A 168 -0.50 0.67 -9.38
CA LEU A 168 -0.48 0.82 -7.89
C LEU A 168 -1.82 1.27 -7.36
N MET A 169 -2.52 2.12 -8.08
N MET A 169 -2.49 2.15 -8.07
CA MET A 169 -3.81 2.62 -7.59
CA MET A 169 -3.77 2.68 -7.61
C MET A 169 -4.79 1.53 -7.45
C MET A 169 -4.91 1.65 -7.61
N GLY A 170 -4.64 0.44 -8.18
CA GLY A 170 -5.57 -0.68 -8.08
C GLY A 170 -5.72 -1.20 -6.68
N ALA A 171 -4.76 -0.92 -5.83
CA ALA A 171 -4.91 -1.26 -4.37
C ALA A 171 -6.10 -0.54 -3.76
N HIS A 172 -6.63 0.48 -4.37
CA HIS A 172 -7.84 1.11 -3.89
C HIS A 172 -9.06 0.27 -4.07
N ALA A 173 -8.99 -0.93 -4.62
CA ALA A 173 -10.08 -1.90 -4.44
C ALA A 173 -10.24 -2.31 -3.00
N LEU A 174 -9.20 -2.16 -2.21
CA LEU A 174 -9.16 -2.69 -0.84
C LEU A 174 -9.65 -1.68 0.18
N GLY A 175 -10.35 -2.19 1.19
CA GLY A 175 -10.61 -1.39 2.42
C GLY A 175 -11.51 -0.22 2.11
N LYS A 176 -11.23 0.87 2.83
N LYS A 176 -11.30 0.89 2.81
CA LYS A 176 -12.08 2.03 2.78
CA LYS A 176 -12.19 2.04 2.68
C LYS A 176 -11.43 3.31 3.27
C LYS A 176 -11.52 3.25 3.25
N THR A 177 -12.12 4.41 2.96
CA THR A 177 -11.79 5.67 3.59
C THR A 177 -12.61 5.79 4.88
N HIS A 178 -12.10 6.62 5.73
CA HIS A 178 -12.74 6.87 7.05
C HIS A 178 -12.68 8.37 7.26
N LEU A 179 -13.90 8.94 7.48
CA LEU A 179 -14.01 10.37 7.54
C LEU A 179 -13.06 11.00 8.57
N LYS A 180 -12.94 10.35 9.72
N LYS A 180 -12.96 10.33 9.73
CA LYS A 180 -12.10 10.89 10.79
CA LYS A 180 -12.12 10.80 10.81
C LYS A 180 -10.60 10.76 10.54
C LYS A 180 -10.64 10.88 10.43
N ASN A 181 -10.19 9.95 9.57
CA ASN A 181 -8.79 9.91 9.18
C ASN A 181 -8.39 10.89 8.08
N SER A 182 -9.20 10.95 7.01
CA SER A 182 -8.85 11.63 5.79
C SER A 182 -9.83 12.65 5.26
N GLY A 183 -11.03 12.65 5.87
N GLY A 183 -11.00 12.77 5.87
CA GLY A 183 -12.14 13.43 5.36
CA GLY A 183 -11.94 13.73 5.33
C GLY A 183 -12.94 12.90 4.19
C GLY A 183 -12.68 13.26 4.11
N TYR A 184 -12.75 11.60 3.94
N TYR A 184 -12.69 11.83 3.93
CA TYR A 184 -13.53 10.84 2.97
CA TYR A 184 -13.39 11.19 2.84
C TYR A 184 -14.30 9.78 3.65
C TYR A 184 -14.31 10.09 3.41
N GLU A 185 -15.47 9.58 3.09
N GLU A 185 -15.57 9.97 2.95
CA GLU A 185 -16.53 8.82 3.65
CA GLU A 185 -16.56 9.07 3.58
C GLU A 185 -16.68 7.60 2.79
C GLU A 185 -16.46 7.69 2.98
N GLY A 186 -16.48 6.46 3.42
N GLY A 186 -16.23 6.67 3.79
CA GLY A 186 -16.56 5.23 2.73
CA GLY A 186 -16.08 5.31 3.29
C GLY A 186 -17.54 4.36 3.45
C GLY A 186 -17.28 4.76 2.52
N GLY A 187 -18.17 3.49 2.70
N GLY A 187 -16.99 3.97 1.49
CA GLY A 187 -18.93 2.41 3.28
CA GLY A 187 -18.04 3.41 0.65
C GLY A 187 -18.02 1.23 3.07
C GLY A 187 -17.73 2.10 -0.03
N GLY A 188 -17.55 1.10 1.81
N GLY A 188 -18.58 1.09 0.29
CA GLY A 188 -16.77 -0.03 1.24
CA GLY A 188 -18.47 -0.32 -0.09
C GLY A 188 -16.31 -1.11 2.20
C GLY A 188 -17.06 -0.84 0.06
N ALA A 189 -16.12 -2.35 1.73
N ALA A 189 -16.85 -1.85 0.91
CA ALA A 189 -15.71 -3.37 2.67
CA ALA A 189 -15.49 -2.36 1.18
C ALA A 189 -14.93 -4.53 2.05
C ALA A 189 -15.30 -3.85 0.97
N ASN A 190 -14.22 -4.30 0.94
N ASN A 190 -14.20 -4.17 0.34
CA ASN A 190 -13.54 -5.41 0.29
CA ASN A 190 -13.82 -5.57 0.26
C ASN A 190 -12.18 -5.74 0.91
C ASN A 190 -12.41 -5.79 0.79
N ASN A 191 -11.91 -7.01 1.14
N ASN A 191 -12.10 -7.06 1.03
CA ASN A 191 -10.63 -7.47 1.57
CA ASN A 191 -10.83 -7.52 1.55
C ASN A 191 -10.09 -8.61 0.71
C ASN A 191 -10.20 -8.69 0.74
N VAL A 192 -10.57 -8.69 -0.54
CA VAL A 192 -10.00 -9.59 -1.54
C VAL A 192 -9.39 -8.73 -2.65
N PHE A 193 -8.16 -9.08 -2.97
CA PHE A 193 -7.36 -8.34 -4.00
C PHE A 193 -7.81 -8.78 -5.39
N THR A 194 -8.42 -7.91 -6.10
CA THR A 194 -8.89 -8.14 -7.47
C THR A 194 -8.65 -6.91 -8.29
N ASN A 195 -8.95 -6.93 -9.59
CA ASN A 195 -8.97 -5.79 -10.46
C ASN A 195 -10.26 -4.97 -10.45
N GLU A 196 -11.12 -5.13 -9.42
N GLU A 196 -11.03 -5.14 -9.39
CA GLU A 196 -12.41 -4.44 -9.46
CA GLU A 196 -12.32 -4.53 -9.33
C GLU A 196 -12.36 -2.91 -9.40
C GLU A 196 -12.34 -2.98 -9.32
N PHE A 197 -11.25 -2.35 -8.91
CA PHE A 197 -11.18 -0.86 -8.90
C PHE A 197 -11.44 -0.32 -10.30
N TYR A 198 -10.78 -0.99 -11.31
CA TYR A 198 -10.87 -0.55 -12.67
C TYR A 198 -12.25 -0.78 -13.28
N LEU A 199 -12.78 -1.97 -12.99
CA LEU A 199 -14.15 -2.29 -13.40
C LEU A 199 -15.18 -1.27 -12.85
N ASN A 200 -15.01 -0.98 -11.56
CA ASN A 200 -15.92 -0.02 -10.90
C ASN A 200 -15.80 1.37 -11.52
N LEU A 201 -14.53 1.80 -11.77
CA LEU A 201 -14.34 3.07 -12.41
C LEU A 201 -15.12 3.17 -13.74
N LEU A 202 -15.00 2.10 -14.54
CA LEU A 202 -15.60 2.12 -15.88
C LEU A 202 -17.10 1.85 -15.89
N ASN A 203 -17.57 1.08 -14.91
N ASN A 203 -17.62 1.14 -14.92
CA ASN A 203 -18.93 0.49 -15.01
CA ASN A 203 -18.99 0.62 -15.09
C ASN A 203 -19.98 1.30 -14.24
C ASN A 203 -20.02 1.10 -14.07
N GLU A 204 -19.57 1.86 -13.09
CA GLU A 204 -20.53 2.49 -12.17
C GLU A 204 -20.95 3.85 -12.70
N ASP A 205 -22.10 4.27 -12.20
CA ASP A 205 -22.63 5.60 -12.54
CA ASP A 205 -22.68 5.58 -12.51
C ASP A 205 -22.26 6.55 -11.40
N TRP A 206 -21.20 7.31 -11.63
CA TRP A 206 -20.57 8.13 -10.57
C TRP A 206 -21.20 9.52 -10.52
N LYS A 207 -21.45 9.98 -9.30
CA LYS A 207 -21.98 11.33 -9.03
C LYS A 207 -21.03 12.07 -8.11
N LEU A 208 -20.69 13.31 -8.46
CA LEU A 208 -19.81 14.15 -7.69
C LEU A 208 -20.62 14.74 -6.53
N GLU A 209 -20.32 14.32 -5.33
N GLU A 209 -20.29 14.37 -5.32
CA GLU A 209 -21.08 14.69 -4.15
CA GLU A 209 -21.07 14.75 -4.17
C GLU A 209 -20.15 15.40 -3.18
C GLU A 209 -20.18 15.25 -3.05
N LYS A 210 -20.75 16.05 -2.14
CA LYS A 210 -20.02 16.51 -1.01
C LYS A 210 -20.36 15.66 0.19
N ASN A 211 -19.30 15.23 0.89
CA ASN A 211 -19.47 14.47 2.11
C ASN A 211 -19.64 15.36 3.34
N ASP A 212 -19.72 14.68 4.49
CA ASP A 212 -20.02 15.43 5.73
C ASP A 212 -18.85 16.26 6.23
N ALA A 213 -17.66 16.08 5.66
CA ALA A 213 -16.54 16.91 5.95
C ALA A 213 -16.37 18.09 4.96
N ASN A 214 -17.37 18.24 4.07
CA ASN A 214 -17.40 19.27 3.06
C ASN A 214 -16.38 19.10 1.93
N ASN A 215 -15.95 17.82 1.75
CA ASN A 215 -15.05 17.49 0.62
C ASN A 215 -15.82 16.77 -0.43
N GLU A 216 -15.41 17.00 -1.69
CA GLU A 216 -15.99 16.28 -2.81
C GLU A 216 -15.41 14.86 -3.03
N GLN A 217 -16.32 13.98 -3.36
CA GLN A 217 -15.93 12.61 -3.74
C GLN A 217 -16.96 12.11 -4.70
N TRP A 218 -16.59 11.03 -5.43
CA TRP A 218 -17.46 10.45 -6.42
C TRP A 218 -18.11 9.21 -5.84
N ASP A 219 -19.45 9.18 -5.88
CA ASP A 219 -20.22 8.13 -5.26
C ASP A 219 -21.15 7.45 -6.26
N SER A 220 -21.41 6.17 -6.03
CA SER A 220 -22.36 5.45 -6.88
C SER A 220 -23.56 4.94 -6.06
N LYS A 221 -24.68 4.70 -6.73
N LYS A 221 -24.69 4.71 -6.74
CA LYS A 221 -25.91 4.16 -6.08
CA LYS A 221 -25.91 4.14 -6.14
C LYS A 221 -25.69 2.78 -5.45
C LYS A 221 -25.61 2.84 -5.40
N SER A 222 -24.70 2.04 -5.96
CA SER A 222 -24.27 0.75 -5.37
C SER A 222 -23.58 0.90 -4.04
N GLY A 223 -23.22 2.15 -3.67
CA GLY A 223 -22.55 2.39 -2.42
C GLY A 223 -21.03 2.45 -2.50
N TYR A 224 -20.50 2.53 -3.72
N TYR A 224 -20.50 2.49 -3.74
CA TYR A 224 -19.06 2.65 -3.88
CA TYR A 224 -19.05 2.64 -3.95
C TYR A 224 -18.65 4.12 -3.92
C TYR A 224 -18.66 4.12 -3.89
N MET A 225 -17.37 4.38 -3.67
CA MET A 225 -16.84 5.72 -3.72
C MET A 225 -15.46 5.68 -4.39
N MET A 226 -15.12 6.82 -4.95
CA MET A 226 -13.82 7.12 -5.55
C MET A 226 -13.34 8.49 -5.07
N LEU A 227 -12.08 8.57 -4.73
N LEU A 227 -12.05 8.60 -4.78
CA LEU A 227 -11.51 9.85 -4.46
CA LEU A 227 -11.44 9.90 -4.52
C LEU A 227 -11.43 10.64 -5.76
C LEU A 227 -11.28 10.72 -5.79
N PRO A 228 -11.36 11.96 -5.73
N PRO A 228 -11.10 12.03 -5.71
CA PRO A 228 -11.09 12.72 -6.96
CA PRO A 228 -10.86 12.76 -6.97
C PRO A 228 -9.86 12.18 -7.69
C PRO A 228 -9.60 12.26 -7.70
N THR A 229 -8.78 11.87 -7.03
N THR A 229 -8.58 11.89 -6.97
CA THR A 229 -7.59 11.38 -7.74
CA THR A 229 -7.38 11.37 -7.62
C THR A 229 -7.87 10.00 -8.35
C THR A 229 -7.70 10.01 -8.30
N ASP A 230 -8.82 9.25 -7.86
N ASP A 230 -8.46 9.12 -7.69
CA ASP A 230 -9.08 7.89 -8.37
CA ASP A 230 -8.99 7.93 -8.41
C ASP A 230 -9.82 8.14 -9.64
C ASP A 230 -9.69 8.29 -9.69
N TYR A 231 -10.74 9.08 -9.62
CA TYR A 231 -11.57 9.41 -10.78
C TYR A 231 -10.73 10.01 -11.88
N SER A 232 -9.69 10.73 -11.52
CA SER A 232 -8.82 11.33 -12.51
C SER A 232 -8.23 10.32 -13.46
N LEU A 233 -8.16 9.06 -13.07
CA LEU A 233 -7.58 8.04 -13.95
C LEU A 233 -8.53 7.75 -15.12
N ILE A 234 -9.79 8.10 -15.07
CA ILE A 234 -10.66 7.99 -16.23
C ILE A 234 -10.94 9.33 -16.91
N GLN A 235 -10.44 10.44 -16.37
N GLN A 235 -10.41 10.43 -16.38
CA GLN A 235 -10.54 11.72 -17.04
CA GLN A 235 -10.51 11.77 -16.98
C GLN A 235 -9.39 11.88 -18.05
C GLN A 235 -9.33 12.12 -17.89
N ASP A 236 -8.21 11.48 -17.65
CA ASP A 236 -6.99 11.67 -18.43
C ASP A 236 -6.94 10.53 -19.48
N PRO A 237 -6.70 10.86 -20.78
CA PRO A 237 -6.87 9.79 -21.77
C PRO A 237 -5.74 8.76 -21.73
N LYS A 238 -4.58 9.09 -21.22
CA LYS A 238 -3.49 8.14 -21.13
C LYS A 238 -3.76 7.17 -19.99
N TYR A 239 -4.20 7.68 -18.82
CA TYR A 239 -4.57 6.82 -17.73
C TYR A 239 -5.78 5.94 -18.09
N LEU A 240 -6.73 6.53 -18.82
CA LEU A 240 -7.93 5.76 -19.18
C LEU A 240 -7.61 4.50 -19.95
N SER A 241 -6.69 4.62 -20.92
N SER A 241 -6.70 4.58 -20.92
CA SER A 241 -6.33 3.46 -21.71
CA SER A 241 -6.40 3.38 -21.71
C SER A 241 -5.89 2.35 -20.82
C SER A 241 -5.78 2.29 -20.83
N ILE A 242 -5.05 2.65 -19.81
CA ILE A 242 -4.47 1.68 -18.93
C ILE A 242 -5.51 1.12 -17.94
N VAL A 243 -6.43 1.98 -17.47
CA VAL A 243 -7.57 1.50 -16.66
C VAL A 243 -8.31 0.39 -17.47
N LYS A 244 -8.61 0.70 -18.73
CA LYS A 244 -9.32 -0.29 -19.56
C LYS A 244 -8.53 -1.57 -19.72
N GLU A 245 -7.26 -1.44 -19.95
N GLU A 245 -7.22 -1.50 -19.89
CA GLU A 245 -6.43 -2.61 -20.04
CA GLU A 245 -6.39 -2.72 -20.01
C GLU A 245 -6.65 -3.49 -18.81
C GLU A 245 -6.45 -3.61 -18.76
N TYR A 246 -6.40 -2.95 -17.60
CA TYR A 246 -6.45 -3.73 -16.36
C TYR A 246 -7.84 -4.22 -16.04
N ALA A 247 -8.85 -3.46 -16.43
CA ALA A 247 -10.25 -3.95 -16.29
C ALA A 247 -10.49 -5.21 -17.09
N ASN A 248 -9.74 -5.39 -18.17
CA ASN A 248 -9.97 -6.46 -19.11
C ASN A 248 -8.94 -7.54 -19.02
N ASP A 249 -7.95 -7.55 -18.09
N ASP A 249 -8.08 -7.52 -18.03
CA ASP A 249 -6.86 -8.58 -17.94
CA ASP A 249 -7.10 -8.47 -17.99
C ASP A 249 -6.35 -8.70 -16.47
C ASP A 249 -6.55 -8.54 -16.56
N GLN A 250 -7.10 -9.49 -15.75
N GLN A 250 -7.09 -9.49 -15.78
CA GLN A 250 -6.77 -9.71 -14.37
CA GLN A 250 -6.74 -9.72 -14.35
C GLN A 250 -5.29 -10.01 -14.23
C GLN A 250 -5.29 -10.14 -14.15
N ASP A 251 -4.77 -10.96 -15.04
CA ASP A 251 -3.43 -11.44 -14.90
C ASP A 251 -2.43 -10.32 -15.15
N LYS A 252 -2.69 -9.53 -16.18
CA LYS A 252 -1.78 -8.44 -16.48
C LYS A 252 -1.72 -7.42 -15.31
N PHE A 253 -2.90 -7.14 -14.81
CA PHE A 253 -2.93 -6.27 -13.68
C PHE A 253 -2.12 -6.85 -12.49
N PHE A 254 -2.23 -8.14 -12.20
N PHE A 254 -2.32 -8.11 -12.18
CA PHE A 254 -1.44 -8.78 -11.15
CA PHE A 254 -1.63 -8.76 -11.11
C PHE A 254 0.04 -8.59 -11.33
C PHE A 254 -0.12 -8.68 -11.31
N LYS A 255 0.62 -9.09 -12.43
N LYS A 255 0.24 -8.79 -12.60
CA LYS A 255 2.04 -8.94 -12.75
CA LYS A 255 1.65 -8.89 -12.91
C LYS A 255 2.50 -7.45 -12.74
C LYS A 255 2.35 -7.57 -12.71
N ASP A 256 1.71 -6.57 -13.27
CA ASP A 256 2.13 -5.16 -13.22
C ASP A 256 2.11 -4.60 -11.79
N PHE A 257 1.07 -4.91 -11.06
CA PHE A 257 1.03 -4.48 -9.66
C PHE A 257 2.13 -5.06 -8.88
N SER A 258 2.47 -6.32 -9.07
CA SER A 258 3.53 -6.95 -8.33
C SER A 258 4.86 -6.26 -8.54
N LYS A 259 5.22 -6.00 -9.79
N LYS A 259 5.13 -5.94 -9.82
CA LYS A 259 6.47 -5.34 -10.03
CA LYS A 259 6.35 -5.26 -10.20
C LYS A 259 6.45 -3.88 -9.52
C LYS A 259 6.44 -3.89 -9.54
N ALA A 260 5.35 -3.16 -9.66
CA ALA A 260 5.32 -1.76 -9.21
C ALA A 260 5.39 -1.71 -7.66
N PHE A 261 4.73 -2.62 -7.00
CA PHE A 261 4.71 -2.63 -5.52
C PHE A 261 6.01 -3.01 -5.01
N GLU A 262 6.71 -4.01 -5.54
CA GLU A 262 8.01 -4.32 -5.15
C GLU A 262 8.95 -3.13 -5.33
N LYS A 263 8.88 -2.53 -6.51
CA LYS A 263 9.72 -1.34 -6.78
C LYS A 263 9.48 -0.24 -5.74
N LEU A 264 8.24 0.06 -5.44
CA LEU A 264 7.86 1.10 -4.44
C LEU A 264 8.53 0.74 -3.11
N LEU A 265 8.44 -0.51 -2.69
N LEU A 265 8.45 -0.51 -2.69
CA LEU A 265 8.97 -0.93 -1.41
CA LEU A 265 8.99 -0.94 -1.39
C LEU A 265 10.46 -0.91 -1.39
C LEU A 265 10.48 -1.00 -1.37
N GLU A 266 11.12 -0.97 -2.55
CA GLU A 266 12.54 -1.04 -2.64
C GLU A 266 13.21 0.27 -3.05
N ASN A 267 12.45 1.26 -3.41
CA ASN A 267 13.06 2.53 -3.84
C ASN A 267 14.01 3.05 -2.75
N GLY A 268 15.17 3.47 -3.16
CA GLY A 268 16.15 4.08 -2.24
C GLY A 268 17.16 3.08 -1.77
N ILE A 269 17.00 1.79 -1.99
CA ILE A 269 17.88 0.76 -1.43
C ILE A 269 18.85 0.26 -2.47
N THR A 270 20.13 0.21 -2.11
CA THR A 270 21.16 -0.43 -2.93
C THR A 270 21.35 -1.84 -2.43
N PHE A 271 21.10 -2.80 -3.29
CA PHE A 271 21.33 -4.21 -3.03
C PHE A 271 22.70 -4.64 -3.56
N PRO A 272 23.58 -5.11 -2.68
CA PRO A 272 24.89 -5.62 -3.10
C PRO A 272 24.72 -6.70 -4.11
N LYS A 273 25.70 -6.84 -5.01
N LYS A 273 25.72 -6.84 -5.00
CA LYS A 273 25.63 -7.90 -6.01
CA LYS A 273 25.63 -7.82 -6.11
C LYS A 273 25.63 -9.28 -5.37
C LYS A 273 25.38 -9.27 -5.69
N ASP A 274 26.17 -9.41 -4.17
N ASP A 274 25.93 -9.60 -4.52
CA ASP A 274 26.09 -10.69 -3.48
CA ASP A 274 25.79 -10.91 -3.88
C ASP A 274 24.82 -10.91 -2.62
C ASP A 274 24.82 -10.89 -2.63
N ALA A 275 23.88 -9.95 -2.64
CA ALA A 275 22.67 -10.03 -1.78
C ALA A 275 21.87 -11.25 -2.17
N PRO A 276 21.10 -11.82 -1.25
CA PRO A 276 20.21 -12.93 -1.66
C PRO A 276 19.25 -12.48 -2.75
N SER A 277 18.79 -13.41 -3.58
CA SER A 277 17.70 -13.16 -4.51
C SER A 277 16.41 -12.82 -3.73
N PRO A 278 15.50 -12.12 -4.37
CA PRO A 278 14.21 -11.83 -3.72
C PRO A 278 13.53 -13.11 -3.31
N PHE A 279 12.87 -13.09 -2.16
CA PHE A 279 12.08 -14.17 -1.65
C PHE A 279 10.66 -14.10 -2.14
N ILE A 280 10.10 -15.26 -2.47
CA ILE A 280 8.68 -15.40 -2.77
C ILE A 280 8.09 -16.33 -1.73
N PHE A 281 7.35 -15.72 -0.80
CA PHE A 281 6.76 -16.45 0.31
C PHE A 281 5.54 -17.23 -0.11
N LYS A 282 5.41 -18.41 0.49
N LYS A 282 5.41 -18.41 0.47
CA LYS A 282 4.24 -19.24 0.36
CA LYS A 282 4.19 -19.16 0.30
C LYS A 282 3.07 -18.72 1.23
C LYS A 282 3.07 -18.58 1.17
N THR A 283 1.86 -18.71 0.70
CA THR A 283 0.71 -18.32 1.51
C THR A 283 0.43 -19.38 2.55
N LEU A 284 -0.35 -19.02 3.56
CA LEU A 284 -0.80 -20.05 4.51
C LEU A 284 -1.51 -21.20 3.78
N GLU A 285 -2.38 -20.81 2.85
CA GLU A 285 -3.13 -21.80 2.05
C GLU A 285 -2.21 -22.77 1.33
N GLU A 286 -1.17 -22.25 0.68
CA GLU A 286 -0.20 -23.07 0.03
C GLU A 286 0.55 -24.01 0.94
N GLN A 287 0.75 -23.65 2.19
CA GLN A 287 1.45 -24.46 3.16
C GLN A 287 0.51 -25.44 3.88
N GLY A 288 -0.77 -25.32 3.65
CA GLY A 288 -1.76 -26.13 4.43
C GLY A 288 -1.89 -25.69 5.86
N LEU A 289 -1.61 -24.42 6.15
CA LEU A 289 -1.70 -23.88 7.49
C LEU A 289 -2.92 -22.98 7.66
CHA HEM B . -6.74 4.47 1.60
CHB HEM B . -5.37 8.45 -0.74
CHC HEM B . -2.37 5.78 -3.39
CHD HEM B . -3.40 1.90 -0.71
C1A HEM B . -6.64 5.75 1.27
C2A HEM B . -7.32 6.90 1.80
C3A HEM B . -6.96 8.01 1.17
C4A HEM B . -5.99 7.58 0.15
CMA HEM B . -7.45 9.45 1.40
CAA HEM B . -8.25 6.74 3.02
CBA HEM B . -7.52 6.79 4.35
CGA HEM B . -8.49 6.63 5.55
O1A HEM B . -9.37 7.50 5.56
O2A HEM B . -8.37 5.68 6.30
C1B HEM B . -4.46 8.04 -1.74
C2B HEM B . -3.95 8.91 -2.73
C3B HEM B . -3.12 8.16 -3.49
C4B HEM B . -3.10 6.83 -2.99
CMB HEM B . -4.31 10.42 -2.86
CAB HEM B . -2.35 8.56 -4.74
CBB HEM B . -2.72 9.56 -5.51
C1C HEM B . -2.28 4.53 -2.90
C2C HEM B . -1.35 3.45 -3.19
C3C HEM B . -1.60 2.37 -2.44
C4C HEM B . -2.74 2.76 -1.58
CMC HEM B . -0.24 3.63 -4.21
CAC HEM B . -0.92 1.07 -2.34
CBC HEM B . -0.40 0.46 -3.43
C1D HEM B . -4.49 2.24 0.08
C2D HEM B . -5.23 1.30 0.79
C3D HEM B . -6.26 2.04 1.47
C4D HEM B . -6.07 3.37 1.16
CMD HEM B . -5.06 -0.21 0.78
CAD HEM B . -7.33 1.52 2.41
CBD HEM B . -6.91 1.54 3.91
CGD HEM B . -7.97 1.04 4.84
O1D HEM B . -7.69 1.32 6.08
O2D HEM B . -8.90 0.40 4.50
NA HEM B . -5.77 6.22 0.26
NB HEM B . -3.91 6.81 -1.92
NC HEM B . -3.15 4.11 -1.84
ND HEM B . -5.04 3.44 0.27
FE HEM B . -4.53 5.12 -0.87
C01 1LN C . -9.28 3.87 -1.06
C01 1LN C . -9.11 4.62 -1.29
C02 1LN C . -9.93 2.73 -0.49
C02 1LN C . -9.52 3.47 -0.56
C03 1LN C . -11.13 2.34 -1.01
C03 1LN C . -10.65 2.75 -0.98
N04 1LN C . -11.73 2.97 -2.07
N04 1LN C . -11.35 3.20 -2.08
C05 1LN C . -11.10 3.98 -2.64
C05 1LN C . -10.94 4.26 -2.77
C06 1LN C . -9.86 4.48 -2.17
C06 1LN C . -9.81 5.03 -2.41
N07 1LN C . -11.67 4.57 -3.80
N07 1LN C . -11.67 4.71 -3.95
C08 1LN C . -13.01 2.46 -2.51
C08 1LN C . -12.49 2.46 -2.53
C09 1LN C . -13.09 1.27 -3.40
C09 1LN C . -12.86 1.22 -1.76
O10 1LN C . -12.46 1.51 -4.64
O10 1LN C . -13.40 1.48 -0.46
C01 1LN D . -9.95 19.25 -9.76
C02 1LN D . -9.75 18.38 -8.64
C03 1LN D . -9.84 16.99 -8.85
N04 1LN D . -10.10 16.49 -10.09
C05 1LN D . -10.27 17.32 -11.15
C06 1LN D . -10.20 18.75 -11.02
N07 1LN D . -10.53 16.87 -12.51
C08 1LN D . -10.17 15.05 -10.21
C09 1LN D . -11.54 14.35 -10.39
O10 1LN D . -12.65 14.90 -9.66
P PO4 E . -7.94 -11.54 5.39
O1 PO4 E . -6.54 -11.80 4.87
O2 PO4 E . -8.79 -12.80 5.24
O3 PO4 E . -7.90 -11.07 6.81
O4 PO4 E . -8.60 -10.49 4.60
P PO4 F . -21.35 6.94 0.27
O1 PO4 F . -20.06 6.35 -0.25
O2 PO4 F . -21.98 5.94 1.19
O3 PO4 F . -21.07 8.27 0.98
O4 PO4 F . -22.33 7.26 -0.85
#